data_2X1R
#
_entry.id   2X1R
#
_cell.length_a   45.940
_cell.length_b   86.920
_cell.length_c   56.280
_cell.angle_alpha   90.00
_cell.angle_beta   98.58
_cell.angle_gamma   90.00
#
_symmetry.space_group_name_H-M   'P 1 21 1'
#
loop_
_entity.id
_entity.type
_entity.pdbx_description
1 polymer 'TRIOSEPHOSPHATE ISOMERASE, GLYCOSOMAL'
2 non-polymer 'SULFATE ION'
3 non-polymer '3-(PROPYLSULFONYL)PROPANOIC ACID'
4 water water
#
_entity_poly.entity_id   1
_entity_poly.type   'polypeptide(L)'
_entity_poly.pdbx_seq_one_letter_code
;SKPQPIAAANWKSGSPDSLSELIDLFNSTSINHDVQCVVASTFVHLAMTKERLSHPKFVIAAQNAGNADALASLKDFGVN
WIVLGHSERRWYYGETNEIVADKVAAAVASGFMVIACIGETLQERESGRTAVVVLTQIAAIAKKLKKADWAKVVIAYEPV
WAIGTGKVATPQQAQEAHALIRSWVSSKIGADVAGELRILYGGSVNGKNARTLYQQRDVNGFLAGLKPEFVDIIKATQ
;
_entity_poly.pdbx_strand_id   A,B
#
loop_
_chem_comp.id
_chem_comp.type
_chem_comp.name
_chem_comp.formula
SO4 non-polymer 'SULFATE ION' 'O4 S -2'
X1R non-polymer '3-(PROPYLSULFONYL)PROPANOIC ACID' 'C6 H12 O4 S'
#
# COMPACT_ATOMS: atom_id res chain seq x y z
N SER A 1 6.87 12.50 -12.86
CA SER A 1 6.36 12.95 -11.57
C SER A 1 6.81 12.03 -10.45
N LYS A 2 6.67 12.50 -9.22
CA LYS A 2 7.16 11.75 -8.05
C LYS A 2 6.40 10.46 -7.80
N PRO A 3 7.10 9.42 -7.34
CA PRO A 3 6.41 8.20 -6.89
C PRO A 3 5.61 8.49 -5.62
N GLN A 4 4.88 7.51 -5.10
CA GLN A 4 4.16 7.69 -3.85
C GLN A 4 5.07 8.10 -2.71
N PRO A 5 4.78 9.23 -2.04
CA PRO A 5 5.62 9.67 -0.93
C PRO A 5 5.46 8.77 0.30
N ILE A 6 6.40 8.90 1.23
CA ILE A 6 6.33 8.17 2.50
C ILE A 6 6.60 9.11 3.65
N ALA A 7 5.81 8.98 4.71
CA ALA A 7 6.08 9.67 5.95
C ALA A 7 6.30 8.63 7.05
N ALA A 8 7.51 8.58 7.58
CA ALA A 8 7.84 7.54 8.54
C ALA A 8 8.27 8.13 9.87
N ALA A 9 7.73 7.56 10.95
CA ALA A 9 8.04 8.00 12.30
C ALA A 9 8.87 6.95 13.03
N ASN A 10 10.08 7.33 13.40
CA ASN A 10 11.00 6.43 14.09
C ASN A 10 10.76 6.60 15.59
N TRP A 11 10.40 5.52 16.27
CA TRP A 11 10.21 5.59 17.72
C TRP A 11 11.54 5.55 18.47
N SER A 18 3.46 9.78 25.52
CA SER A 18 2.49 8.70 25.61
C SER A 18 2.20 8.09 24.24
N LEU A 19 2.51 6.80 24.09
CA LEU A 19 2.37 6.10 22.82
C LEU A 19 0.90 5.80 22.48
N SER A 20 0.05 5.77 23.50
CA SER A 20 -1.36 5.47 23.31
C SER A 20 -2.13 6.67 22.78
N GLU A 21 -1.78 7.86 23.25
CA GLU A 21 -2.44 9.09 22.82
C GLU A 21 -2.03 9.46 21.39
N LEU A 22 -0.81 9.10 21.03
CA LEU A 22 -0.33 9.34 19.68
C LEU A 22 -1.08 8.43 18.70
N ILE A 23 -1.16 7.15 19.04
CA ILE A 23 -1.92 6.22 18.21
C ILE A 23 -3.38 6.67 18.07
N ASP A 24 -4.00 7.12 19.16
CA ASP A 24 -5.36 7.68 19.10
C ASP A 24 -5.45 8.80 18.08
N LEU A 25 -4.46 9.70 18.10
CA LEU A 25 -4.46 10.85 17.22
C LEU A 25 -4.32 10.45 15.74
N PHE A 26 -3.41 9.52 15.46
CA PHE A 26 -3.24 9.02 14.10
C PHE A 26 -4.51 8.35 13.59
N ASN A 27 -5.07 7.46 14.40
CA ASN A 27 -6.32 6.77 14.06
C ASN A 27 -7.47 7.69 13.65
N SER A 28 -7.54 8.87 14.27
CA SER A 28 -8.60 9.84 14.01
C SER A 28 -8.24 10.83 12.90
N THR A 29 -7.07 10.66 12.30
CA THR A 29 -6.60 11.60 11.29
C THR A 29 -6.99 11.17 9.88
N SER A 30 -7.73 12.02 9.17
CA SER A 30 -8.06 11.77 7.77
C SER A 30 -6.94 12.24 6.86
N ILE A 31 -6.49 11.37 5.98
CA ILE A 31 -5.41 11.71 5.07
C ILE A 31 -5.91 11.56 3.64
N ASN A 32 -6.12 12.69 2.98
CA ASN A 32 -6.80 12.69 1.69
C ASN A 32 -5.92 12.23 0.53
N HIS A 33 -4.69 12.72 0.49
CA HIS A 33 -3.80 12.40 -0.63
C HIS A 33 -3.12 11.04 -0.45
N ASP A 34 -2.44 10.59 -1.50
CA ASP A 34 -1.77 9.30 -1.50
C ASP A 34 -0.41 9.42 -0.84
N VAL A 35 -0.21 8.68 0.24
CA VAL A 35 1.05 8.65 0.97
C VAL A 35 1.08 7.40 1.85
N GLN A 36 2.18 6.65 1.81
CA GLN A 36 2.36 5.54 2.76
C GLN A 36 2.90 6.06 4.09
N CYS A 37 2.17 5.79 5.17
CA CYS A 37 2.66 6.15 6.50
C CYS A 37 3.21 4.93 7.23
N VAL A 38 4.27 5.15 7.99
CA VAL A 38 5.00 4.07 8.65
C VAL A 38 5.29 4.46 10.10
N VAL A 39 5.00 3.57 11.02
CA VAL A 39 5.39 3.76 12.41
C VAL A 39 6.40 2.70 12.76
N ALA A 40 7.64 3.13 12.97
CA ALA A 40 8.70 2.19 13.27
C ALA A 40 8.84 2.14 14.78
N SER A 41 8.73 0.94 15.32
CA SER A 41 8.70 0.76 16.74
C SER A 41 9.83 -0.17 17.15
N THR A 42 10.32 0.03 18.36
CA THR A 42 11.29 -0.89 18.92
C THR A 42 10.56 -2.20 19.27
N PHE A 43 11.30 -3.29 19.34
CA PHE A 43 10.73 -4.60 19.60
C PHE A 43 9.74 -4.61 20.77
N VAL A 44 10.10 -3.98 21.87
CA VAL A 44 9.31 -4.03 23.10
C VAL A 44 7.91 -3.39 22.96
N HIS A 45 7.71 -2.57 21.93
CA HIS A 45 6.44 -1.86 21.75
C HIS A 45 5.72 -2.26 20.48
N LEU A 46 6.27 -3.25 19.77
CA LEU A 46 5.69 -3.69 18.51
C LEU A 46 4.26 -4.18 18.64
N ALA A 47 4.04 -5.19 19.49
CA ALA A 47 2.73 -5.83 19.62
C ALA A 47 1.62 -4.84 19.98
N MET A 48 1.90 -3.95 20.92
CA MET A 48 0.92 -2.96 21.33
C MET A 48 0.58 -2.01 20.16
N THR A 49 1.61 -1.61 19.42
CA THR A 49 1.39 -0.69 18.30
C THR A 49 0.47 -1.31 17.25
N LYS A 50 0.73 -2.56 16.90
CA LYS A 50 -0.08 -3.26 15.91
C LYS A 50 -1.50 -3.49 16.39
N GLU A 51 -1.64 -3.70 17.70
CA GLU A 51 -2.95 -3.90 18.31
C GLU A 51 -3.78 -2.62 18.25
N ARG A 52 -3.11 -1.48 18.41
CA ARG A 52 -3.80 -0.20 18.58
C ARG A 52 -3.93 0.63 17.30
N LEU A 53 -2.95 0.56 16.42
CA LEU A 53 -2.93 1.41 15.23
C LEU A 53 -3.69 0.74 14.07
N SER A 54 -4.89 1.24 13.79
CA SER A 54 -5.77 0.63 12.80
C SER A 54 -5.96 1.44 11.51
N HIS A 55 -5.34 2.61 11.43
CA HIS A 55 -5.43 3.45 10.23
C HIS A 55 -4.79 2.72 9.04
N PRO A 56 -5.57 2.48 7.98
CA PRO A 56 -5.12 1.60 6.90
C PRO A 56 -4.03 2.20 6.02
N LYS A 57 -3.79 3.50 6.12
CA LYS A 57 -2.67 4.12 5.39
C LYS A 57 -1.36 4.02 6.18
N PHE A 58 -1.45 3.53 7.42
CA PHE A 58 -0.27 3.25 8.24
C PHE A 58 0.13 1.78 8.20
N VAL A 59 1.45 1.55 8.14
CA VAL A 59 1.98 0.22 8.38
C VAL A 59 2.99 0.29 9.52
N ILE A 60 3.18 -0.85 10.18
CA ILE A 60 4.10 -0.94 11.29
C ILE A 60 5.42 -1.48 10.79
N ALA A 61 6.50 -0.91 11.30
CA ALA A 61 7.84 -1.30 10.91
C ALA A 61 8.63 -1.77 12.14
N ALA A 62 9.40 -2.84 11.97
CA ALA A 62 10.36 -3.23 12.98
C ALA A 62 11.64 -2.42 12.76
N GLN A 63 12.60 -2.61 13.65
CA GLN A 63 13.88 -1.91 13.55
C GLN A 63 15.02 -2.86 13.87
N ASN A 64 16.03 -2.89 13.01
CA ASN A 64 17.33 -3.44 13.35
C ASN A 64 17.47 -4.96 13.43
N ALA A 65 16.36 -5.69 13.25
CA ALA A 65 16.40 -7.15 13.27
C ALA A 65 17.40 -7.66 12.25
N GLY A 66 18.26 -8.57 12.69
CA GLY A 66 19.32 -9.09 11.83
C GLY A 66 19.45 -10.60 11.88
N ASN A 67 18.59 -11.23 12.67
CA ASN A 67 18.58 -12.67 12.83
C ASN A 67 17.56 -13.31 11.89
N ALA A 68 17.94 -14.40 11.25
CA ALA A 68 17.04 -15.09 10.32
C ALA A 68 15.71 -15.50 10.97
N ASP A 69 15.76 -16.06 12.17
CA ASP A 69 14.55 -16.47 12.88
C ASP A 69 13.73 -15.27 13.35
N ALA A 70 14.41 -14.17 13.63
CA ALA A 70 13.74 -12.97 14.09
C ALA A 70 12.91 -12.38 12.97
N LEU A 71 13.51 -12.27 11.80
CA LEU A 71 12.78 -11.82 10.62
C LEU A 71 11.57 -12.72 10.35
N ALA A 72 11.81 -14.03 10.32
CA ALA A 72 10.73 -14.99 10.12
C ALA A 72 9.58 -14.77 11.08
N SER A 73 9.89 -14.62 12.36
CA SER A 73 8.86 -14.40 13.38
C SER A 73 8.08 -13.08 13.20
N LEU A 74 8.79 -12.02 12.81
CA LEU A 74 8.17 -10.74 12.51
C LEU A 74 7.17 -10.86 11.34
N LYS A 75 7.56 -11.55 10.26
CA LYS A 75 6.65 -11.76 9.14
C LYS A 75 5.41 -12.51 9.61
N ASP A 76 5.64 -13.64 10.30
CA ASP A 76 4.57 -14.43 10.91
C ASP A 76 3.57 -13.55 11.66
N PHE A 77 4.09 -12.59 12.41
CA PHE A 77 3.25 -11.72 13.23
C PHE A 77 2.56 -10.59 12.45
N GLY A 78 2.83 -10.50 11.16
CA GLY A 78 2.19 -9.48 10.34
C GLY A 78 3.02 -8.21 10.16
N VAL A 79 4.31 -8.26 10.46
CA VAL A 79 5.19 -7.11 10.23
C VAL A 79 5.94 -7.26 8.91
N ASN A 80 5.69 -6.33 7.97
CA ASN A 80 6.23 -6.42 6.63
C ASN A 80 7.22 -5.30 6.24
N TRP A 81 7.48 -4.36 7.16
CA TRP A 81 8.40 -3.26 6.95
C TRP A 81 9.48 -3.25 8.03
N ILE A 82 10.63 -2.69 7.72
CA ILE A 82 11.72 -2.64 8.69
C ILE A 82 12.66 -1.50 8.37
N VAL A 83 13.17 -0.84 9.41
CA VAL A 83 14.17 0.21 9.26
C VAL A 83 15.53 -0.34 9.65
N LEU A 84 16.53 -0.07 8.81
CA LEU A 84 17.87 -0.60 9.00
C LEU A 84 18.92 0.49 8.75
N GLY A 85 20.01 0.43 9.50
CA GLY A 85 21.16 1.29 9.26
C GLY A 85 21.04 2.69 9.83
N HIS A 86 20.07 2.93 10.71
CA HIS A 86 19.85 4.26 11.26
C HIS A 86 21.13 4.75 11.96
N SER A 87 21.31 6.06 11.98
CA SER A 87 22.56 6.67 12.45
C SER A 87 23.26 5.99 13.63
N GLU A 88 22.58 5.86 14.77
CA GLU A 88 23.24 5.34 15.97
C GLU A 88 23.73 3.90 15.82
N ARG A 89 23.07 3.11 14.95
CA ARG A 89 23.53 1.77 14.63
C ARG A 89 24.97 1.77 14.17
N ARG A 90 25.31 2.80 13.39
CA ARG A 90 26.64 2.89 12.82
C ARG A 90 27.60 3.54 13.80
N TRP A 91 27.23 4.69 14.36
CA TRP A 91 28.18 5.47 15.16
C TRP A 91 28.33 5.02 16.63
N TYR A 92 27.35 4.30 17.14
CA TYR A 92 27.42 3.78 18.51
C TYR A 92 27.56 2.26 18.53
N TYR A 93 26.59 1.55 17.94
CA TYR A 93 26.57 0.08 17.98
C TYR A 93 27.64 -0.62 17.15
N GLY A 94 28.18 0.07 16.16
CA GLY A 94 29.28 -0.48 15.40
C GLY A 94 28.91 -1.24 14.14
N GLU A 95 27.67 -1.11 13.68
CA GLU A 95 27.30 -1.74 12.41
C GLU A 95 28.01 -1.04 11.25
N THR A 96 28.83 -1.78 10.52
CA THR A 96 29.55 -1.26 9.36
C THR A 96 28.64 -1.17 8.13
N ASN A 97 29.16 -0.56 7.05
CA ASN A 97 28.42 -0.50 5.78
C ASN A 97 27.99 -1.88 5.33
N GLU A 98 28.87 -2.85 5.51
CA GLU A 98 28.61 -4.22 5.08
C GLU A 98 27.61 -4.95 6.00
N ILE A 99 27.70 -4.73 7.30
CA ILE A 99 26.73 -5.29 8.23
C ILE A 99 25.32 -4.75 7.91
N VAL A 100 25.21 -3.44 7.68
CA VAL A 100 23.92 -2.87 7.31
C VAL A 100 23.44 -3.47 5.99
N ALA A 101 24.33 -3.58 5.02
CA ALA A 101 24.00 -4.12 3.71
C ALA A 101 23.53 -5.58 3.76
N ASP A 102 24.17 -6.38 4.61
CA ASP A 102 23.77 -7.77 4.84
C ASP A 102 22.40 -7.84 5.51
N LYS A 103 22.16 -6.94 6.46
CA LYS A 103 20.85 -6.88 7.11
C LYS A 103 19.75 -6.52 6.10
N VAL A 104 20.04 -5.60 5.19
CA VAL A 104 19.09 -5.20 4.17
C VAL A 104 18.79 -6.35 3.19
N ALA A 105 19.82 -7.08 2.74
CA ALA A 105 19.58 -8.16 1.80
C ALA A 105 18.75 -9.28 2.42
N ALA A 106 19.08 -9.63 3.67
CA ALA A 106 18.32 -10.61 4.45
C ALA A 106 16.85 -10.23 4.63
N ALA A 107 16.59 -9.00 5.05
CA ALA A 107 15.21 -8.52 5.16
C ALA A 107 14.44 -8.63 3.84
N VAL A 108 15.06 -8.19 2.75
CA VAL A 108 14.41 -8.26 1.44
C VAL A 108 14.11 -9.71 1.04
N ALA A 109 15.05 -10.61 1.31
CA ALA A 109 14.86 -12.02 0.99
C ALA A 109 13.70 -12.62 1.78
N SER A 110 13.47 -12.11 3.00
CA SER A 110 12.36 -12.56 3.84
C SER A 110 11.06 -11.81 3.56
N GLY A 111 11.00 -11.10 2.45
CA GLY A 111 9.78 -10.44 2.03
C GLY A 111 9.44 -9.15 2.76
N PHE A 112 10.47 -8.41 3.18
CA PHE A 112 10.27 -7.11 3.83
C PHE A 112 10.42 -5.96 2.84
N MET A 113 9.62 -4.89 3.05
CA MET A 113 9.94 -3.57 2.52
C MET A 113 10.97 -2.97 3.46
N VAL A 114 12.01 -2.36 2.91
CA VAL A 114 13.11 -1.87 3.73
C VAL A 114 13.40 -0.38 3.59
N ILE A 115 13.39 0.33 4.71
CA ILE A 115 13.89 1.70 4.73
C ILE A 115 15.34 1.66 5.19
N ALA A 116 16.26 1.85 4.25
CA ALA A 116 17.69 1.83 4.55
C ALA A 116 18.22 3.25 4.72
N CYS A 117 18.83 3.49 5.87
CA CYS A 117 19.31 4.83 6.22
C CYS A 117 20.80 4.98 5.91
N ILE A 118 21.14 6.14 5.33
CA ILE A 118 22.52 6.51 5.06
C ILE A 118 22.68 7.95 5.51
N GLY A 119 23.91 8.43 5.61
CA GLY A 119 24.10 9.84 5.94
C GLY A 119 25.48 10.11 6.50
N GLU A 120 25.95 11.35 6.32
CA GLU A 120 27.32 11.72 6.71
C GLU A 120 27.41 12.42 8.07
N THR A 121 28.59 12.39 8.68
CA THR A 121 28.83 13.07 9.94
C THR A 121 29.10 14.56 9.75
N LEU A 122 29.14 15.28 10.87
CA LEU A 122 29.47 16.70 10.83
C LEU A 122 30.82 16.98 10.15
N GLN A 123 31.85 16.20 10.53
CA GLN A 123 33.20 16.41 10.00
C GLN A 123 33.29 16.09 8.52
N GLU A 124 32.60 15.02 8.11
CA GLU A 124 32.51 14.64 6.71
C GLU A 124 31.87 15.74 5.87
N ARG A 125 30.79 16.32 6.39
CA ARG A 125 30.11 17.44 5.74
C ARG A 125 31.04 18.66 5.63
N GLU A 126 31.66 19.05 6.74
CA GLU A 126 32.52 20.23 6.78
C GLU A 126 33.72 20.14 5.85
N SER A 127 34.31 18.95 5.75
CA SER A 127 35.45 18.70 4.88
C SER A 127 35.06 18.41 3.43
N GLY A 128 33.76 18.56 3.13
CA GLY A 128 33.29 18.38 1.77
C GLY A 128 33.27 16.95 1.28
N ARG A 129 33.23 15.99 2.20
CA ARG A 129 33.23 14.58 1.83
C ARG A 129 31.86 13.89 1.88
N THR A 130 30.79 14.68 1.88
CA THR A 130 29.43 14.12 1.95
C THR A 130 29.17 13.11 0.83
N ALA A 131 29.60 13.46 -0.38
CA ALA A 131 29.28 12.64 -1.55
C ALA A 131 29.93 11.27 -1.44
N VAL A 132 31.26 11.27 -1.26
CA VAL A 132 32.01 10.02 -1.18
C VAL A 132 31.47 9.11 -0.09
N VAL A 133 31.17 9.70 1.07
CA VAL A 133 30.66 8.94 2.21
C VAL A 133 29.29 8.28 1.93
N VAL A 134 28.30 9.09 1.57
CA VAL A 134 26.97 8.56 1.37
C VAL A 134 26.93 7.55 0.21
N LEU A 135 27.71 7.79 -0.83
CA LEU A 135 27.72 6.87 -1.96
C LEU A 135 28.43 5.56 -1.65
N THR A 136 29.46 5.62 -0.81
CA THR A 136 30.13 4.41 -0.34
C THR A 136 29.14 3.58 0.46
N GLN A 137 28.34 4.25 1.29
CA GLN A 137 27.34 3.56 2.07
C GLN A 137 26.26 2.88 1.21
N ILE A 138 25.75 3.58 0.20
CA ILE A 138 24.72 2.98 -0.65
C ILE A 138 25.28 1.92 -1.60
N ALA A 139 26.52 2.11 -2.07
CA ALA A 139 27.16 1.11 -2.91
C ALA A 139 27.31 -0.22 -2.17
N ALA A 140 27.56 -0.16 -0.87
CA ALA A 140 27.65 -1.37 -0.06
C ALA A 140 26.29 -2.08 -0.04
N ILE A 141 25.24 -1.29 0.16
CA ILE A 141 23.89 -1.85 0.14
C ILE A 141 23.58 -2.47 -1.23
N ALA A 142 23.87 -1.74 -2.30
CA ALA A 142 23.53 -2.20 -3.65
C ALA A 142 24.28 -3.46 -4.07
N LYS A 143 25.46 -3.67 -3.47
CA LYS A 143 26.31 -4.81 -3.81
C LYS A 143 25.65 -6.13 -3.44
N LYS A 144 24.74 -6.10 -2.47
CA LYS A 144 24.10 -7.31 -1.97
C LYS A 144 22.69 -7.51 -2.55
N LEU A 145 22.31 -6.65 -3.49
CA LEU A 145 20.95 -6.70 -4.04
C LEU A 145 21.00 -6.95 -5.54
N LYS A 146 19.94 -7.53 -6.08
CA LYS A 146 19.77 -7.60 -7.51
C LYS A 146 18.81 -6.49 -7.92
N LYS A 147 18.77 -6.18 -9.21
CA LYS A 147 17.92 -5.10 -9.68
C LYS A 147 16.51 -5.15 -9.12
N ALA A 148 15.87 -6.31 -9.22
CA ALA A 148 14.45 -6.44 -8.84
C ALA A 148 14.21 -6.12 -7.37
N ASP A 149 15.26 -6.21 -6.57
CA ASP A 149 15.15 -6.00 -5.13
C ASP A 149 14.74 -4.57 -4.80
N TRP A 150 15.08 -3.62 -5.66
CA TRP A 150 14.86 -2.20 -5.37
C TRP A 150 13.40 -1.80 -5.23
N ALA A 151 12.50 -2.58 -5.82
CA ALA A 151 11.07 -2.38 -5.61
C ALA A 151 10.72 -2.45 -4.12
N LYS A 152 11.54 -3.16 -3.34
CA LYS A 152 11.29 -3.38 -1.92
C LYS A 152 12.07 -2.40 -1.04
N VAL A 153 12.87 -1.54 -1.67
CA VAL A 153 13.79 -0.68 -0.93
C VAL A 153 13.36 0.79 -0.98
N VAL A 154 13.61 1.46 0.15
CA VAL A 154 13.39 2.89 0.29
C VAL A 154 14.67 3.44 0.93
N ILE A 155 15.16 4.58 0.43
CA ILE A 155 16.36 5.16 1.01
C ILE A 155 16.04 6.35 1.90
N ALA A 156 16.59 6.35 3.12
CA ALA A 156 16.44 7.49 4.01
C ALA A 156 17.76 8.22 4.15
N TYR A 157 17.83 9.43 3.62
CA TYR A 157 19.05 10.22 3.78
C TYR A 157 18.93 11.08 5.03
N GLU A 158 19.85 10.88 5.98
CA GLU A 158 19.82 11.66 7.23
C GLU A 158 21.20 12.18 7.63
N PRO A 159 21.44 13.50 7.48
CA PRO A 159 22.75 13.98 7.94
C PRO A 159 22.87 13.74 9.45
N VAL A 160 23.94 13.10 9.89
CA VAL A 160 24.05 12.73 11.30
C VAL A 160 23.94 13.98 12.18
N TRP A 161 24.51 15.08 11.72
CA TRP A 161 24.49 16.32 12.48
C TRP A 161 23.08 16.95 12.58
N ALA A 162 22.11 16.42 11.85
CA ALA A 162 20.74 16.96 11.85
C ALA A 162 19.77 16.12 12.67
N ILE A 163 20.23 14.96 13.13
CA ILE A 163 19.37 14.06 13.89
C ILE A 163 19.28 14.46 15.37
N GLY A 164 18.10 14.90 15.79
CA GLY A 164 17.85 15.23 17.19
C GLY A 164 18.59 16.44 17.71
N THR A 165 19.21 17.21 16.82
CA THR A 165 20.03 18.35 17.23
C THR A 165 19.27 19.67 17.09
N GLY A 166 18.22 19.68 16.27
CA GLY A 166 17.47 20.88 16.00
C GLY A 166 18.06 21.65 14.84
N LYS A 167 19.08 21.07 14.20
CA LYS A 167 19.69 21.69 13.04
C LYS A 167 19.27 20.97 11.75
N VAL A 168 18.21 21.48 11.12
CA VAL A 168 17.71 20.89 9.88
C VAL A 168 18.63 21.22 8.70
N ALA A 169 18.65 20.35 7.71
CA ALA A 169 19.30 20.69 6.45
C ALA A 169 18.44 21.73 5.72
N THR A 170 19.08 22.64 5.00
CA THR A 170 18.34 23.60 4.20
C THR A 170 17.73 22.86 3.02
N PRO A 171 16.70 23.41 2.38
CA PRO A 171 16.20 22.78 1.16
C PRO A 171 17.29 22.54 0.13
N GLN A 172 18.22 23.48 -0.02
CA GLN A 172 19.32 23.28 -0.98
C GLN A 172 20.19 22.08 -0.59
N GLN A 173 20.49 21.94 0.69
CA GLN A 173 21.34 20.84 1.15
C GLN A 173 20.66 19.50 0.92
N ALA A 174 19.39 19.41 1.31
CA ALA A 174 18.67 18.16 1.14
C ALA A 174 18.55 17.79 -0.34
N GLN A 175 18.17 18.76 -1.16
CA GLN A 175 17.98 18.51 -2.58
C GLN A 175 19.26 18.04 -3.24
N GLU A 176 20.37 18.69 -2.89
CA GLU A 176 21.64 18.31 -3.47
C GLU A 176 22.04 16.88 -3.11
N ALA A 177 21.82 16.49 -1.85
CA ALA A 177 22.13 15.13 -1.41
C ALA A 177 21.23 14.12 -2.11
N HIS A 178 19.94 14.41 -2.13
CA HIS A 178 18.99 13.48 -2.70
C HIS A 178 19.33 13.28 -4.18
N ALA A 179 19.68 14.37 -4.85
CA ALA A 179 19.90 14.31 -6.29
C ALA A 179 21.16 13.52 -6.63
N LEU A 180 22.20 13.64 -5.81
CA LEU A 180 23.42 12.86 -6.06
C LEU A 180 23.21 11.38 -5.76
N ILE A 181 22.33 11.08 -4.81
CA ILE A 181 21.96 9.69 -4.55
C ILE A 181 21.18 9.13 -5.73
N ARG A 182 20.16 9.85 -6.18
CA ARG A 182 19.36 9.38 -7.31
C ARG A 182 20.20 9.25 -8.58
N SER A 183 21.13 10.18 -8.80
CA SER A 183 21.97 10.11 -9.98
C SER A 183 22.88 8.88 -9.96
N TRP A 184 23.36 8.50 -8.77
CA TRP A 184 24.19 7.31 -8.66
C TRP A 184 23.36 6.06 -8.91
N VAL A 185 22.14 6.04 -8.37
CA VAL A 185 21.25 4.91 -8.60
C VAL A 185 20.91 4.79 -10.08
N SER A 186 20.66 5.93 -10.73
CA SER A 186 20.37 5.95 -12.15
C SER A 186 21.52 5.30 -12.94
N SER A 187 22.74 5.80 -12.70
CA SER A 187 23.93 5.26 -13.36
C SER A 187 24.20 3.79 -13.09
N LYS A 188 24.24 3.42 -11.82
CA LYS A 188 24.72 2.09 -11.45
C LYS A 188 23.65 1.00 -11.47
N ILE A 189 22.38 1.38 -11.35
CA ILE A 189 21.31 0.41 -11.25
C ILE A 189 20.35 0.44 -12.44
N GLY A 190 20.02 1.65 -12.89
CA GLY A 190 19.09 1.82 -14.00
C GLY A 190 18.26 3.07 -13.76
N ALA A 191 17.94 3.79 -14.82
CA ALA A 191 17.14 5.02 -14.70
C ALA A 191 15.70 4.68 -14.35
N ASP A 192 15.30 3.45 -14.66
CA ASP A 192 13.96 2.97 -14.32
C ASP A 192 13.81 2.85 -12.80
N VAL A 193 14.79 2.20 -12.18
CA VAL A 193 14.83 2.06 -10.73
C VAL A 193 14.94 3.44 -10.08
N ALA A 194 15.82 4.28 -10.62
CA ALA A 194 15.99 5.63 -10.11
C ALA A 194 14.68 6.42 -10.02
N GLY A 195 13.88 6.36 -11.07
CA GLY A 195 12.68 7.16 -11.15
C GLY A 195 11.58 6.73 -10.19
N GLU A 196 11.63 5.48 -9.75
CA GLU A 196 10.62 4.95 -8.85
C GLU A 196 11.05 4.97 -7.39
N LEU A 197 12.34 5.20 -7.15
CA LEU A 197 12.92 5.10 -5.81
C LEU A 197 12.47 6.23 -4.88
N ARG A 198 11.95 5.88 -3.73
CA ARG A 198 11.67 6.89 -2.69
C ARG A 198 12.94 7.21 -1.90
N ILE A 199 13.36 8.46 -1.96
CA ILE A 199 14.44 8.96 -1.12
C ILE A 199 13.86 9.95 -0.12
N LEU A 200 13.90 9.59 1.16
CA LEU A 200 13.28 10.37 2.22
C LEU A 200 14.33 11.20 2.91
N TYR A 201 13.93 12.39 3.38
CA TYR A 201 14.83 13.19 4.20
C TYR A 201 14.49 13.06 5.68
N GLY A 202 15.51 13.00 6.52
CA GLY A 202 15.33 12.99 7.96
C GLY A 202 16.38 13.81 8.68
N GLY A 203 16.00 14.35 9.82
CA GLY A 203 16.91 15.11 10.67
C GLY A 203 16.31 16.48 10.97
N SER A 204 15.68 16.61 12.13
CA SER A 204 15.07 17.88 12.56
C SER A 204 13.95 18.36 11.64
N VAL A 205 13.26 17.42 11.00
CA VAL A 205 12.05 17.78 10.27
C VAL A 205 10.97 18.15 11.28
N ASN A 206 10.25 19.22 11.02
CA ASN A 206 9.12 19.55 11.87
C ASN A 206 7.95 20.10 11.08
N GLY A 207 6.90 20.50 11.80
CA GLY A 207 5.71 21.05 11.20
C GLY A 207 6.03 22.24 10.34
N LYS A 208 6.89 23.13 10.82
CA LYS A 208 7.19 24.36 10.07
C LYS A 208 7.99 24.13 8.78
N ASN A 209 8.99 23.26 8.82
CA ASN A 209 9.92 23.16 7.71
C ASN A 209 9.68 22.04 6.68
N ALA A 210 8.81 21.08 7.00
CA ALA A 210 8.59 19.92 6.14
C ALA A 210 8.02 20.27 4.76
N ARG A 211 7.02 21.13 4.74
CA ARG A 211 6.36 21.53 3.50
C ARG A 211 7.37 22.03 2.44
N THR A 212 8.24 22.94 2.88
CA THR A 212 9.24 23.52 1.98
C THR A 212 10.19 22.47 1.45
N LEU A 213 10.63 21.58 2.33
CA LEU A 213 11.51 20.49 1.92
C LEU A 213 10.89 19.59 0.84
N TYR A 214 9.61 19.29 0.98
CA TYR A 214 8.96 18.39 0.02
C TYR A 214 8.85 18.98 -1.38
N GLN A 215 8.81 20.31 -1.46
CA GLN A 215 8.76 20.97 -2.76
C GLN A 215 9.98 20.62 -3.60
N GLN A 216 11.10 20.25 -2.96
CA GLN A 216 12.33 19.96 -3.71
C GLN A 216 12.16 18.76 -4.65
N ARG A 217 12.80 18.85 -5.82
CA ARG A 217 12.58 17.86 -6.87
C ARG A 217 12.79 16.41 -6.41
N ASP A 218 13.80 16.17 -5.59
CA ASP A 218 14.17 14.78 -5.30
C ASP A 218 13.82 14.29 -3.90
N VAL A 219 12.98 15.04 -3.20
CA VAL A 219 12.50 14.66 -1.88
C VAL A 219 11.16 13.91 -2.00
N ASN A 220 11.11 12.68 -1.47
CA ASN A 220 9.90 11.84 -1.57
C ASN A 220 9.25 11.56 -0.23
N GLY A 221 9.62 12.35 0.78
CA GLY A 221 9.02 12.21 2.09
C GLY A 221 10.03 12.34 3.21
N PHE A 222 9.66 11.88 4.39
CA PHE A 222 10.44 12.16 5.59
C PHE A 222 10.53 11.00 6.55
N LEU A 223 11.60 10.99 7.32
CA LEU A 223 11.70 10.16 8.51
C LEU A 223 11.86 11.13 9.70
N ALA A 224 11.01 10.98 10.71
CA ALA A 224 10.99 11.90 11.85
C ALA A 224 10.62 11.13 13.12
N GLY A 225 10.61 11.82 14.24
CA GLY A 225 10.30 11.19 15.51
C GLY A 225 8.80 10.98 15.66
N LEU A 226 8.44 10.00 16.48
CA LEU A 226 7.03 9.76 16.80
C LEU A 226 6.54 10.85 17.76
N LYS A 227 5.89 11.87 17.22
CA LYS A 227 5.49 13.03 17.99
C LYS A 227 4.20 13.59 17.41
N PRO A 228 3.45 14.38 18.20
CA PRO A 228 2.17 14.92 17.73
C PRO A 228 2.29 15.67 16.42
N GLU A 229 3.42 16.32 16.16
CA GLU A 229 3.57 17.09 14.93
C GLU A 229 3.73 16.22 13.69
N PHE A 230 3.90 14.91 13.90
CA PHE A 230 4.02 13.99 12.77
C PHE A 230 2.80 14.11 11.85
N VAL A 231 1.66 14.45 12.43
CA VAL A 231 0.46 14.70 11.63
C VAL A 231 0.71 15.78 10.57
N ASP A 232 1.39 16.85 10.97
CA ASP A 232 1.68 17.94 10.03
C ASP A 232 2.73 17.58 8.98
N ILE A 233 3.68 16.73 9.37
CA ILE A 233 4.68 16.20 8.44
C ILE A 233 4.01 15.34 7.35
N ILE A 234 3.06 14.50 7.77
CA ILE A 234 2.25 13.75 6.82
C ILE A 234 1.53 14.68 5.83
N LYS A 235 0.97 15.76 6.37
CA LYS A 235 0.20 16.71 5.57
C LYS A 235 1.12 17.49 4.63
N ALA A 236 2.39 17.60 5.01
CA ALA A 236 3.37 18.30 4.18
C ALA A 236 3.84 17.51 2.97
N THR A 237 3.46 16.24 2.87
CA THR A 237 3.87 15.42 1.72
C THR A 237 3.01 15.67 0.46
N GLN A 238 2.82 16.94 0.13
CA GLN A 238 2.16 17.35 -1.11
C GLN A 238 2.58 18.77 -1.45
N SER B 1 -0.23 -15.06 8.65
CA SER B 1 -1.13 -13.94 8.88
C SER B 1 -1.69 -13.40 7.57
N LYS B 2 -3.01 -13.25 7.50
CA LYS B 2 -3.63 -12.63 6.33
C LYS B 2 -3.11 -11.21 6.18
N PRO B 3 -3.04 -10.71 4.94
CA PRO B 3 -2.69 -9.31 4.72
C PRO B 3 -3.85 -8.39 5.12
N GLN B 4 -3.65 -7.08 5.00
CA GLN B 4 -4.69 -6.12 5.35
C GLN B 4 -5.98 -6.39 4.58
N PRO B 5 -7.09 -6.59 5.28
CA PRO B 5 -8.36 -6.81 4.57
C PRO B 5 -8.88 -5.56 3.85
N ILE B 6 -9.75 -5.76 2.87
CA ILE B 6 -10.41 -4.65 2.20
C ILE B 6 -11.92 -4.88 2.18
N ALA B 7 -12.70 -3.84 2.45
CA ALA B 7 -14.15 -3.87 2.26
C ALA B 7 -14.50 -2.78 1.25
N ALA B 8 -15.04 -3.17 0.10
CA ALA B 8 -15.28 -2.21 -0.98
C ALA B 8 -16.75 -2.20 -1.36
N ALA B 9 -17.29 -0.99 -1.53
CA ALA B 9 -18.68 -0.80 -1.94
C ALA B 9 -18.72 -0.26 -3.34
N ASN B 10 -19.55 -0.90 -4.16
CA ASN B 10 -19.60 -0.59 -5.56
C ASN B 10 -20.97 0.02 -5.86
N TRP B 11 -21.02 1.32 -6.11
CA TRP B 11 -22.27 2.00 -6.41
C TRP B 11 -22.83 1.59 -7.77
N LYS B 12 -24.09 1.20 -7.80
CA LYS B 12 -24.78 0.94 -9.06
C LYS B 12 -26.01 1.84 -9.20
N SER B 13 -26.22 2.32 -10.42
CA SER B 13 -27.31 3.24 -10.71
C SER B 13 -28.65 2.61 -10.36
N GLY B 14 -29.60 3.44 -9.95
CA GLY B 14 -30.94 2.97 -9.62
C GLY B 14 -31.16 2.71 -8.16
N SER B 15 -30.08 2.80 -7.37
CA SER B 15 -30.17 2.64 -5.93
C SER B 15 -31.34 3.42 -5.35
N PRO B 16 -32.05 2.82 -4.38
CA PRO B 16 -33.14 3.45 -3.64
C PRO B 16 -32.63 4.38 -2.54
N ASP B 17 -31.37 4.19 -2.15
CA ASP B 17 -30.79 4.93 -1.04
C ASP B 17 -30.27 6.30 -1.45
N SER B 18 -30.22 7.22 -0.49
CA SER B 18 -29.60 8.51 -0.73
C SER B 18 -28.10 8.32 -0.58
N LEU B 19 -27.35 8.69 -1.61
CA LEU B 19 -25.89 8.60 -1.56
C LEU B 19 -25.36 9.45 -0.41
N SER B 20 -25.90 10.66 -0.28
CA SER B 20 -25.45 11.55 0.77
C SER B 20 -25.71 10.98 2.16
N GLU B 21 -26.89 10.43 2.39
CA GLU B 21 -27.21 9.79 3.67
C GLU B 21 -26.30 8.60 3.98
N LEU B 22 -26.03 7.76 2.99
CA LEU B 22 -25.15 6.61 3.21
C LEU B 22 -23.75 7.09 3.59
N ILE B 23 -23.28 8.09 2.87
CA ILE B 23 -21.98 8.68 3.19
C ILE B 23 -21.94 9.29 4.61
N ASP B 24 -23.03 9.94 5.02
CA ASP B 24 -23.13 10.40 6.40
C ASP B 24 -23.01 9.23 7.35
N LEU B 25 -23.73 8.16 7.05
CA LEU B 25 -23.67 6.97 7.91
C LEU B 25 -22.23 6.48 8.04
N PHE B 26 -21.55 6.35 6.91
CA PHE B 26 -20.19 5.85 6.90
C PHE B 26 -19.27 6.76 7.72
N ASN B 27 -19.41 8.07 7.52
CA ASN B 27 -18.61 9.04 8.25
C ASN B 27 -18.81 8.97 9.75
N SER B 28 -19.99 8.55 10.17
CA SER B 28 -20.28 8.47 11.60
C SER B 28 -19.89 7.14 12.23
N THR B 29 -19.44 6.20 11.42
CA THR B 29 -19.24 4.83 11.91
C THR B 29 -17.89 4.63 12.59
N SER B 30 -17.90 3.94 13.72
CA SER B 30 -16.69 3.59 14.44
CA SER B 30 -16.70 3.58 14.44
C SER B 30 -16.14 2.25 13.93
N ILE B 31 -14.88 2.25 13.52
CA ILE B 31 -14.24 1.04 13.02
C ILE B 31 -12.90 0.86 13.71
N ASN B 32 -12.75 -0.25 14.44
CA ASN B 32 -11.64 -0.40 15.37
C ASN B 32 -10.56 -1.41 14.96
N HIS B 33 -10.62 -1.94 13.74
CA HIS B 33 -9.54 -2.79 13.26
C HIS B 33 -8.99 -2.26 11.94
N ASP B 34 -7.77 -2.68 11.59
CA ASP B 34 -7.14 -2.30 10.32
C ASP B 34 -7.90 -2.94 9.15
N VAL B 35 -8.69 -2.14 8.46
CA VAL B 35 -9.29 -2.52 7.18
C VAL B 35 -9.40 -1.29 6.26
N GLN B 36 -8.99 -1.44 5.00
CA GLN B 36 -9.11 -0.35 4.04
C GLN B 36 -10.50 -0.40 3.46
N CYS B 37 -11.30 0.63 3.73
CA CYS B 37 -12.62 0.70 3.15
C CYS B 37 -12.57 1.55 1.87
N VAL B 38 -13.34 1.14 0.86
CA VAL B 38 -13.31 1.79 -0.45
C VAL B 38 -14.74 2.00 -0.92
N VAL B 39 -15.02 3.18 -1.43
CA VAL B 39 -16.31 3.47 -2.00
C VAL B 39 -16.11 3.83 -3.46
N ALA B 40 -16.54 2.95 -4.35
CA ALA B 40 -16.34 3.20 -5.78
C ALA B 40 -17.57 3.87 -6.35
N SER B 41 -17.34 4.92 -7.14
CA SER B 41 -18.42 5.76 -7.63
C SER B 41 -18.36 5.84 -9.13
N THR B 42 -19.52 6.01 -9.75
CA THR B 42 -19.57 6.28 -11.18
C THR B 42 -19.04 7.69 -11.39
N PHE B 43 -18.58 7.96 -12.60
CA PHE B 43 -17.94 9.23 -12.88
C PHE B 43 -18.78 10.45 -12.47
N VAL B 44 -20.09 10.38 -12.70
CA VAL B 44 -20.95 11.54 -12.47
C VAL B 44 -21.02 11.96 -11.00
N HIS B 45 -20.80 11.01 -10.10
CA HIS B 45 -20.93 11.28 -8.67
C HIS B 45 -19.59 11.37 -7.97
N LEU B 46 -18.51 11.24 -8.74
CA LEU B 46 -17.17 11.21 -8.18
C LEU B 46 -16.86 12.43 -7.30
N ALA B 47 -17.00 13.63 -7.86
CA ALA B 47 -16.69 14.85 -7.13
C ALA B 47 -17.55 15.01 -5.86
N MET B 48 -18.85 14.74 -5.98
CA MET B 48 -19.74 14.78 -4.83
C MET B 48 -19.20 13.86 -3.73
N THR B 49 -19.03 12.58 -4.07
CA THR B 49 -18.53 11.58 -3.14
C THR B 49 -17.21 11.96 -2.46
N LYS B 50 -16.23 12.40 -3.24
CA LYS B 50 -14.95 12.80 -2.69
C LYS B 50 -15.05 13.95 -1.68
N GLU B 51 -15.89 14.93 -1.99
CA GLU B 51 -16.05 16.06 -1.08
C GLU B 51 -16.71 15.66 0.25
N ARG B 52 -17.67 14.76 0.18
CA ARG B 52 -18.49 14.39 1.33
C ARG B 52 -17.87 13.31 2.24
N LEU B 53 -17.13 12.37 1.65
CA LEU B 53 -16.57 11.25 2.40
C LEU B 53 -15.31 11.70 3.10
N SER B 54 -15.20 11.49 4.40
CA SER B 54 -14.02 11.96 5.13
C SER B 54 -13.44 10.99 6.16
N HIS B 55 -14.05 9.83 6.33
CA HIS B 55 -13.62 8.86 7.33
C HIS B 55 -12.15 8.43 7.11
N PRO B 56 -11.36 8.41 8.19
CA PRO B 56 -9.94 8.09 8.00
C PRO B 56 -9.70 6.72 7.34
N LYS B 57 -10.63 5.78 7.49
CA LYS B 57 -10.40 4.45 6.95
C LYS B 57 -10.96 4.27 5.53
N PHE B 58 -11.55 5.33 4.96
CA PHE B 58 -12.17 5.21 3.63
C PHE B 58 -11.33 5.93 2.54
N VAL B 59 -11.27 5.33 1.36
CA VAL B 59 -10.78 6.01 0.18
C VAL B 59 -11.85 5.94 -0.90
N ILE B 60 -11.80 6.85 -1.86
CA ILE B 60 -12.72 6.81 -3.00
C ILE B 60 -12.07 6.07 -4.15
N ALA B 61 -12.88 5.41 -4.96
CA ALA B 61 -12.39 4.73 -6.15
C ALA B 61 -13.23 5.11 -7.35
N ALA B 62 -12.60 5.15 -8.53
CA ALA B 62 -13.31 5.30 -9.79
C ALA B 62 -13.71 3.94 -10.33
N GLN B 63 -14.45 3.93 -11.42
CA GLN B 63 -14.82 2.68 -12.07
C GLN B 63 -14.51 2.76 -13.57
N ASN B 64 -14.01 1.66 -14.13
CA ASN B 64 -14.02 1.44 -15.58
C ASN B 64 -13.15 2.33 -16.51
N ALA B 65 -12.53 3.39 -15.99
CA ALA B 65 -11.68 4.23 -16.84
C ALA B 65 -10.60 3.39 -17.54
N GLY B 66 -10.43 3.60 -18.85
CA GLY B 66 -9.53 2.79 -19.64
C GLY B 66 -8.63 3.60 -20.55
N ASN B 67 -8.71 4.90 -20.42
CA ASN B 67 -7.98 5.82 -21.28
C ASN B 67 -6.87 6.53 -20.48
N ALA B 68 -5.65 6.48 -21.00
CA ALA B 68 -4.48 7.03 -20.31
C ALA B 68 -4.66 8.46 -19.80
N ASP B 69 -5.23 9.32 -20.63
CA ASP B 69 -5.49 10.70 -20.24
C ASP B 69 -6.53 10.81 -19.12
N ALA B 70 -7.56 9.98 -19.20
CA ALA B 70 -8.60 9.97 -18.17
C ALA B 70 -8.03 9.49 -16.84
N LEU B 71 -7.15 8.48 -16.89
CA LEU B 71 -6.52 7.95 -15.69
C LEU B 71 -5.64 9.01 -15.02
N ALA B 72 -4.79 9.67 -15.80
CA ALA B 72 -3.93 10.72 -15.27
C ALA B 72 -4.76 11.83 -14.66
N SER B 73 -5.87 12.16 -15.31
CA SER B 73 -6.73 13.22 -14.80
C SER B 73 -7.31 12.80 -13.44
N LEU B 74 -7.78 11.56 -13.35
CA LEU B 74 -8.29 11.04 -12.10
C LEU B 74 -7.22 11.14 -11.01
N LYS B 75 -6.01 10.69 -11.30
CA LYS B 75 -4.88 10.76 -10.34
C LYS B 75 -4.65 12.20 -9.88
N ASP B 76 -4.52 13.11 -10.84
CA ASP B 76 -4.37 14.52 -10.51
C ASP B 76 -5.45 15.00 -9.56
N PHE B 77 -6.66 14.48 -9.75
CA PHE B 77 -7.81 14.91 -8.97
C PHE B 77 -7.83 14.26 -7.57
N GLY B 78 -6.84 13.44 -7.28
CA GLY B 78 -6.72 12.80 -5.97
C GLY B 78 -7.44 11.47 -5.83
N VAL B 79 -7.79 10.84 -6.95
CA VAL B 79 -8.39 9.50 -6.91
C VAL B 79 -7.31 8.46 -7.13
N ASN B 80 -7.13 7.54 -6.18
CA ASN B 80 -6.01 6.62 -6.16
C ASN B 80 -6.37 5.15 -6.34
N TRP B 81 -7.67 4.85 -6.32
CA TRP B 81 -8.17 3.48 -6.47
C TRP B 81 -9.11 3.41 -7.66
N ILE B 82 -9.24 2.22 -8.24
CA ILE B 82 -10.17 2.01 -9.34
C ILE B 82 -10.67 0.57 -9.35
N VAL B 83 -11.93 0.40 -9.72
CA VAL B 83 -12.49 -0.93 -9.94
C VAL B 83 -12.62 -1.17 -11.45
N LEU B 84 -12.13 -2.33 -11.90
CA LEU B 84 -12.19 -2.70 -13.32
C LEU B 84 -12.73 -4.13 -13.49
N GLY B 85 -13.32 -4.42 -14.65
CA GLY B 85 -13.74 -5.78 -14.97
C GLY B 85 -14.98 -6.34 -14.29
N HIS B 86 -15.77 -5.47 -13.67
CA HIS B 86 -16.99 -5.89 -12.98
C HIS B 86 -17.91 -6.61 -13.96
N SER B 87 -18.69 -7.55 -13.44
CA SER B 87 -19.53 -8.44 -14.24
C SER B 87 -20.11 -7.83 -15.53
N GLU B 88 -20.93 -6.78 -15.39
CA GLU B 88 -21.62 -6.25 -16.56
C GLU B 88 -20.69 -5.66 -17.62
N ARG B 89 -19.50 -5.21 -17.23
CA ARG B 89 -18.49 -4.75 -18.20
CA ARG B 89 -18.54 -4.73 -18.22
C ARG B 89 -18.24 -5.84 -19.22
N ARG B 90 -18.20 -7.07 -18.71
CA ARG B 90 -17.94 -8.26 -19.52
C ARG B 90 -19.19 -8.74 -20.27
N TRP B 91 -20.30 -8.99 -19.57
CA TRP B 91 -21.46 -9.61 -20.21
C TRP B 91 -22.36 -8.68 -21.00
N TYR B 92 -22.29 -7.38 -20.72
CA TYR B 92 -23.08 -6.41 -21.48
C TYR B 92 -22.21 -5.52 -22.38
N TYR B 93 -21.22 -4.85 -21.80
CA TYR B 93 -20.39 -3.91 -22.55
C TYR B 93 -19.37 -4.55 -23.47
N GLY B 94 -19.19 -5.86 -23.34
CA GLY B 94 -18.29 -6.57 -24.24
C GLY B 94 -16.81 -6.43 -23.95
N GLU B 95 -16.46 -6.07 -22.72
CA GLU B 95 -15.04 -6.04 -22.32
C GLU B 95 -14.52 -7.46 -22.22
N THR B 96 -13.61 -7.84 -23.11
CA THR B 96 -13.00 -9.15 -23.11
C THR B 96 -11.96 -9.26 -21.99
N ASN B 97 -11.42 -10.45 -21.77
CA ASN B 97 -10.35 -10.60 -20.79
C ASN B 97 -9.22 -9.63 -21.10
N GLU B 98 -8.90 -9.53 -22.39
CA GLU B 98 -7.76 -8.74 -22.82
C GLU B 98 -7.99 -7.26 -22.57
N ILE B 99 -9.17 -6.76 -22.92
CA ILE B 99 -9.51 -5.37 -22.67
C ILE B 99 -9.40 -5.06 -21.16
N VAL B 100 -9.96 -5.93 -20.34
CA VAL B 100 -9.89 -5.75 -18.89
C VAL B 100 -8.43 -5.73 -18.43
N ALA B 101 -7.64 -6.67 -18.92
CA ALA B 101 -6.23 -6.75 -18.55
C ALA B 101 -5.46 -5.50 -18.97
N ASP B 102 -5.82 -4.95 -20.13
CA ASP B 102 -5.21 -3.72 -20.59
C ASP B 102 -5.56 -2.54 -19.68
N LYS B 103 -6.82 -2.45 -19.27
CA LYS B 103 -7.21 -1.37 -18.35
C LYS B 103 -6.45 -1.53 -17.02
N VAL B 104 -6.31 -2.76 -16.55
CA VAL B 104 -5.60 -2.99 -15.29
C VAL B 104 -4.14 -2.51 -15.39
N ALA B 105 -3.49 -2.84 -16.49
CA ALA B 105 -2.10 -2.45 -16.70
C ALA B 105 -1.98 -0.92 -16.80
N ALA B 106 -2.89 -0.30 -17.54
CA ALA B 106 -2.90 1.15 -17.69
C ALA B 106 -3.03 1.86 -16.34
N ALA B 107 -4.00 1.42 -15.53
CA ALA B 107 -4.23 2.01 -14.22
C ALA B 107 -3.01 1.87 -13.31
N VAL B 108 -2.48 0.65 -13.21
CA VAL B 108 -1.34 0.41 -12.35
C VAL B 108 -0.19 1.35 -12.74
N ALA B 109 0.02 1.52 -14.04
CA ALA B 109 1.09 2.38 -14.54
C ALA B 109 0.86 3.86 -14.22
N SER B 110 -0.40 4.25 -14.07
CA SER B 110 -0.70 5.62 -13.68
C SER B 110 -0.76 5.80 -12.17
N GLY B 111 -0.27 4.79 -11.43
CA GLY B 111 -0.19 4.86 -9.97
C GLY B 111 -1.45 4.51 -9.17
N PHE B 112 -2.36 3.75 -9.75
CA PHE B 112 -3.59 3.34 -9.07
C PHE B 112 -3.42 2.05 -8.26
N MET B 113 -4.16 1.95 -7.16
CA MET B 113 -4.48 0.63 -6.60
C MET B 113 -5.67 0.13 -7.41
N VAL B 114 -5.61 -1.13 -7.84
CA VAL B 114 -6.62 -1.66 -8.75
C VAL B 114 -7.38 -2.84 -8.16
N ILE B 115 -8.70 -2.73 -8.10
CA ILE B 115 -9.54 -3.89 -7.76
C ILE B 115 -10.06 -4.50 -9.06
N ALA B 116 -9.49 -5.65 -9.42
CA ALA B 116 -9.79 -6.32 -10.67
C ALA B 116 -10.77 -7.46 -10.43
N CYS B 117 -11.93 -7.40 -11.05
CA CYS B 117 -12.94 -8.42 -10.83
C CYS B 117 -12.86 -9.54 -11.87
N ILE B 118 -13.04 -10.76 -11.41
CA ILE B 118 -13.21 -11.94 -12.26
C ILE B 118 -14.38 -12.76 -11.71
N GLY B 119 -14.84 -13.75 -12.47
CA GLY B 119 -15.85 -14.69 -11.98
C GLY B 119 -16.66 -15.32 -13.10
N GLU B 120 -17.25 -16.49 -12.83
CA GLU B 120 -17.96 -17.27 -13.84
C GLU B 120 -19.45 -17.02 -13.83
N THR B 121 -20.09 -17.31 -14.97
CA THR B 121 -21.54 -17.21 -15.10
C THR B 121 -22.20 -18.47 -14.56
N LEU B 122 -23.52 -18.46 -14.50
CA LEU B 122 -24.25 -19.63 -14.00
C LEU B 122 -24.10 -20.82 -14.94
N GLN B 123 -24.18 -20.58 -16.24
CA GLN B 123 -23.97 -21.65 -17.22
C GLN B 123 -22.61 -22.30 -17.03
N GLU B 124 -21.59 -21.48 -16.83
CA GLU B 124 -20.21 -21.95 -16.67
C GLU B 124 -20.04 -22.78 -15.40
N ARG B 125 -20.53 -22.26 -14.27
CA ARG B 125 -20.56 -23.04 -13.03
C ARG B 125 -21.28 -24.39 -13.21
N GLU B 126 -22.47 -24.38 -13.79
CA GLU B 126 -23.26 -25.59 -13.91
C GLU B 126 -22.71 -26.58 -14.93
N SER B 127 -21.83 -26.11 -15.80
CA SER B 127 -21.24 -26.99 -16.81
C SER B 127 -19.82 -27.39 -16.43
N GLY B 128 -19.46 -27.14 -15.17
CA GLY B 128 -18.19 -27.55 -14.61
C GLY B 128 -17.00 -26.74 -15.09
N ARG B 129 -17.24 -25.53 -15.59
CA ARG B 129 -16.16 -24.73 -16.17
C ARG B 129 -15.64 -23.60 -15.26
N THR B 130 -16.00 -23.63 -13.98
CA THR B 130 -15.59 -22.54 -13.10
C THR B 130 -14.07 -22.32 -13.10
N ALA B 131 -13.31 -23.39 -12.88
CA ALA B 131 -11.86 -23.28 -12.81
C ALA B 131 -11.24 -22.75 -14.09
N VAL B 132 -11.63 -23.31 -15.22
CA VAL B 132 -11.05 -22.84 -16.48
C VAL B 132 -11.37 -21.37 -16.73
N VAL B 133 -12.61 -20.95 -16.48
CA VAL B 133 -12.96 -19.55 -16.68
C VAL B 133 -12.16 -18.59 -15.79
N VAL B 134 -12.14 -18.87 -14.49
CA VAL B 134 -11.47 -17.97 -13.55
C VAL B 134 -9.96 -17.89 -13.81
N LEU B 135 -9.35 -19.03 -14.10
CA LEU B 135 -7.92 -19.04 -14.39
C LEU B 135 -7.62 -18.34 -15.72
N THR B 136 -8.54 -18.45 -16.67
CA THR B 136 -8.38 -17.75 -17.94
C THR B 136 -8.41 -16.22 -17.75
N GLN B 137 -9.36 -15.73 -16.96
CA GLN B 137 -9.50 -14.29 -16.72
C GLN B 137 -8.30 -13.73 -15.94
N ILE B 138 -7.80 -14.47 -14.95
CA ILE B 138 -6.64 -13.94 -14.24
C ILE B 138 -5.34 -14.10 -15.02
N ALA B 139 -5.24 -15.14 -15.84
CA ALA B 139 -4.04 -15.31 -16.65
C ALA B 139 -3.89 -14.15 -17.63
N ALA B 140 -5.01 -13.64 -18.13
CA ALA B 140 -5.01 -12.53 -19.08
C ALA B 140 -4.51 -11.26 -18.40
N ILE B 141 -4.94 -11.04 -17.17
CA ILE B 141 -4.47 -9.93 -16.35
C ILE B 141 -2.97 -10.04 -16.07
N ALA B 142 -2.54 -11.23 -15.66
CA ALA B 142 -1.14 -11.47 -15.31
C ALA B 142 -0.22 -11.21 -16.49
N LYS B 143 -0.73 -11.46 -17.69
CA LYS B 143 0.07 -11.31 -18.90
C LYS B 143 0.50 -9.87 -19.17
N LYS B 144 -0.24 -8.91 -18.63
CA LYS B 144 0.04 -7.51 -18.93
C LYS B 144 0.74 -6.81 -17.77
N LEU B 145 1.05 -7.59 -16.73
CA LEU B 145 1.72 -7.07 -15.55
C LEU B 145 3.13 -7.63 -15.41
N LYS B 146 3.96 -6.95 -14.62
CA LYS B 146 5.24 -7.46 -14.18
C LYS B 146 5.09 -7.80 -12.70
N LYS B 147 6.02 -8.59 -12.17
CA LYS B 147 5.91 -9.07 -10.80
C LYS B 147 5.68 -7.94 -9.78
N ALA B 148 6.44 -6.86 -9.91
CA ALA B 148 6.31 -5.73 -8.99
C ALA B 148 4.93 -5.08 -9.00
N ASP B 149 4.21 -5.19 -10.12
CA ASP B 149 2.91 -4.54 -10.29
C ASP B 149 1.87 -5.11 -9.32
N TRP B 150 2.08 -6.34 -8.87
CA TRP B 150 1.06 -7.05 -8.10
C TRP B 150 0.83 -6.40 -6.75
N ALA B 151 1.83 -5.67 -6.27
CA ALA B 151 1.69 -4.95 -5.01
C ALA B 151 0.58 -3.90 -5.10
N LYS B 152 0.18 -3.56 -6.33
CA LYS B 152 -0.87 -2.55 -6.52
C LYS B 152 -2.19 -3.18 -6.95
N VAL B 153 -2.28 -4.51 -6.96
CA VAL B 153 -3.46 -5.17 -7.45
C VAL B 153 -4.21 -5.92 -6.35
N VAL B 154 -5.53 -5.98 -6.47
CA VAL B 154 -6.41 -6.72 -5.57
C VAL B 154 -7.37 -7.47 -6.49
N ILE B 155 -7.57 -8.77 -6.24
CA ILE B 155 -8.53 -9.51 -7.06
C ILE B 155 -9.88 -9.62 -6.37
N ALA B 156 -10.97 -9.33 -7.07
CA ALA B 156 -12.25 -9.57 -6.47
C ALA B 156 -12.93 -10.70 -7.25
N TYR B 157 -13.14 -11.82 -6.56
CA TYR B 157 -13.85 -12.94 -7.13
C TYR B 157 -15.35 -12.84 -6.87
N GLU B 158 -16.12 -12.78 -7.94
CA GLU B 158 -17.57 -12.63 -7.84
C GLU B 158 -18.27 -13.55 -8.81
N PRO B 159 -18.91 -14.61 -8.30
CA PRO B 159 -19.68 -15.43 -9.22
C PRO B 159 -20.82 -14.57 -9.79
N VAL B 160 -20.97 -14.53 -11.11
CA VAL B 160 -22.04 -13.72 -11.70
C VAL B 160 -23.42 -14.14 -11.17
N TRP B 161 -23.59 -15.42 -10.92
CA TRP B 161 -24.87 -15.93 -10.43
C TRP B 161 -25.21 -15.46 -8.99
N ALA B 162 -24.24 -14.87 -8.31
CA ALA B 162 -24.43 -14.41 -6.92
C ALA B 162 -24.64 -12.90 -6.81
N ILE B 163 -24.56 -12.20 -7.94
CA ILE B 163 -24.63 -10.74 -7.93
C ILE B 163 -26.07 -10.22 -8.03
N GLY B 164 -26.55 -9.65 -6.93
CA GLY B 164 -27.89 -9.08 -6.87
C GLY B 164 -29.02 -10.09 -6.80
N THR B 165 -28.66 -11.37 -6.66
CA THR B 165 -29.64 -12.46 -6.72
C THR B 165 -30.05 -12.93 -5.33
N GLY B 166 -29.24 -12.61 -4.33
CA GLY B 166 -29.45 -13.14 -3.01
C GLY B 166 -28.86 -14.52 -2.84
N LYS B 167 -28.31 -15.07 -3.93
CA LYS B 167 -27.71 -16.41 -3.88
C LYS B 167 -26.20 -16.35 -3.61
N VAL B 168 -25.83 -16.21 -2.35
CA VAL B 168 -24.41 -16.09 -2.00
C VAL B 168 -23.67 -17.43 -2.13
N ALA B 169 -22.39 -17.40 -2.51
CA ALA B 169 -21.59 -18.61 -2.47
C ALA B 169 -21.53 -19.08 -1.03
N THR B 170 -21.50 -20.40 -0.83
CA THR B 170 -21.27 -20.94 0.50
C THR B 170 -19.82 -20.66 0.88
N PRO B 171 -19.49 -20.83 2.16
CA PRO B 171 -18.09 -20.63 2.56
C PRO B 171 -17.17 -21.62 1.84
N GLN B 172 -17.65 -22.85 1.68
CA GLN B 172 -16.91 -23.86 0.94
C GLN B 172 -16.67 -23.45 -0.52
N GLN B 173 -17.71 -22.96 -1.18
CA GLN B 173 -17.57 -22.53 -2.57
C GLN B 173 -16.62 -21.34 -2.73
N ALA B 174 -16.76 -20.34 -1.87
CA ALA B 174 -15.87 -19.19 -1.93
C ALA B 174 -14.41 -19.60 -1.65
N GLN B 175 -14.19 -20.42 -0.62
CA GLN B 175 -12.83 -20.84 -0.27
C GLN B 175 -12.14 -21.62 -1.39
N GLU B 176 -12.88 -22.53 -2.01
CA GLU B 176 -12.39 -23.30 -3.15
C GLU B 176 -11.91 -22.39 -4.28
N ALA B 177 -12.71 -21.38 -4.62
CA ALA B 177 -12.38 -20.51 -5.73
C ALA B 177 -11.17 -19.68 -5.39
N HIS B 178 -11.20 -19.10 -4.19
CA HIS B 178 -10.10 -18.28 -3.72
C HIS B 178 -8.79 -19.07 -3.65
N ALA B 179 -8.87 -20.32 -3.19
CA ALA B 179 -7.68 -21.16 -3.04
C ALA B 179 -7.10 -21.51 -4.40
N LEU B 180 -7.99 -21.80 -5.35
CA LEU B 180 -7.62 -22.04 -6.72
C LEU B 180 -6.85 -20.85 -7.27
N ILE B 181 -7.39 -19.66 -7.05
CA ILE B 181 -6.78 -18.43 -7.58
C ILE B 181 -5.37 -18.21 -7.04
N ARG B 182 -5.24 -18.26 -5.72
CA ARG B 182 -3.94 -18.04 -5.04
C ARG B 182 -2.89 -19.09 -5.41
N SER B 183 -3.31 -20.34 -5.49
CA SER B 183 -2.40 -21.41 -5.90
C SER B 183 -1.83 -21.12 -7.28
N TRP B 184 -2.66 -20.61 -8.19
CA TRP B 184 -2.19 -20.28 -9.52
C TRP B 184 -1.25 -19.07 -9.51
N VAL B 185 -1.54 -18.09 -8.66
CA VAL B 185 -0.67 -16.91 -8.54
C VAL B 185 0.68 -17.34 -7.96
N SER B 186 0.64 -18.22 -6.96
CA SER B 186 1.86 -18.71 -6.34
C SER B 186 2.81 -19.33 -7.38
N SER B 187 2.29 -20.23 -8.21
CA SER B 187 3.11 -20.95 -9.19
C SER B 187 3.61 -20.07 -10.32
N LYS B 188 2.75 -19.21 -10.84
CA LYS B 188 3.10 -18.42 -12.02
C LYS B 188 3.79 -17.11 -11.68
N ILE B 189 3.45 -16.52 -10.54
CA ILE B 189 3.99 -15.21 -10.17
C ILE B 189 5.07 -15.34 -9.09
N GLY B 190 4.77 -16.14 -8.06
CA GLY B 190 5.65 -16.28 -6.93
C GLY B 190 4.91 -16.47 -5.61
N ALA B 191 5.46 -17.28 -4.73
CA ALA B 191 4.88 -17.53 -3.42
C ALA B 191 4.75 -16.28 -2.57
N ASP B 192 5.73 -15.38 -2.69
CA ASP B 192 5.68 -14.10 -1.98
C ASP B 192 4.47 -13.25 -2.39
N VAL B 193 4.30 -13.04 -3.70
CA VAL B 193 3.14 -12.32 -4.22
C VAL B 193 1.82 -12.96 -3.77
N ALA B 194 1.73 -14.28 -3.90
CA ALA B 194 0.51 -15.00 -3.54
C ALA B 194 0.11 -14.74 -2.09
N GLY B 195 1.10 -14.76 -1.20
CA GLY B 195 0.85 -14.61 0.23
C GLY B 195 0.34 -13.23 0.60
N GLU B 196 0.78 -12.21 -0.14
CA GLU B 196 0.44 -10.82 0.17
C GLU B 196 -0.82 -10.36 -0.58
N LEU B 197 -1.26 -11.14 -1.56
CA LEU B 197 -2.38 -10.77 -2.41
C LEU B 197 -3.74 -10.80 -1.70
N ARG B 198 -4.49 -9.70 -1.77
CA ARG B 198 -5.86 -9.68 -1.28
C ARG B 198 -6.80 -10.28 -2.34
N ILE B 199 -7.54 -11.30 -1.96
CA ILE B 199 -8.61 -11.83 -2.81
C ILE B 199 -9.95 -11.64 -2.08
N LEU B 200 -10.80 -10.77 -2.62
CA LEU B 200 -12.05 -10.42 -1.96
C LEU B 200 -13.19 -11.23 -2.54
N TYR B 201 -14.17 -11.60 -1.72
CA TYR B 201 -15.35 -12.26 -2.24
C TYR B 201 -16.47 -11.26 -2.45
N GLY B 202 -17.26 -11.43 -3.51
CA GLY B 202 -18.42 -10.58 -3.74
C GLY B 202 -19.57 -11.35 -4.37
N GLY B 203 -20.80 -10.92 -4.08
CA GLY B 203 -21.98 -11.56 -4.63
C GLY B 203 -22.96 -11.91 -3.52
N SER B 204 -23.90 -11.01 -3.27
CA SER B 204 -24.90 -11.20 -2.24
C SER B 204 -24.32 -11.31 -0.84
N VAL B 205 -23.21 -10.63 -0.57
CA VAL B 205 -22.68 -10.59 0.79
C VAL B 205 -23.63 -9.76 1.67
N ASN B 206 -23.85 -10.17 2.90
CA ASN B 206 -24.60 -9.36 3.86
C ASN B 206 -24.07 -9.44 5.29
N GLY B 207 -24.62 -8.62 6.17
CA GLY B 207 -24.22 -8.62 7.56
C GLY B 207 -24.36 -9.98 8.22
N LYS B 208 -25.29 -10.80 7.74
CA LYS B 208 -25.45 -12.14 8.30
C LYS B 208 -24.30 -13.06 7.90
N ASN B 209 -24.06 -13.16 6.58
CA ASN B 209 -23.13 -14.15 6.04
C ASN B 209 -21.66 -13.75 5.95
N ALA B 210 -21.37 -12.46 6.06
CA ALA B 210 -20.01 -11.95 5.85
C ALA B 210 -18.97 -12.48 6.85
N ARG B 211 -19.36 -12.55 8.12
CA ARG B 211 -18.42 -12.99 9.15
C ARG B 211 -17.91 -14.40 8.89
N THR B 212 -18.84 -15.31 8.61
CA THR B 212 -18.48 -16.70 8.34
C THR B 212 -17.65 -16.84 7.06
N LEU B 213 -17.97 -16.04 6.06
CA LEU B 213 -17.14 -16.01 4.87
C LEU B 213 -15.72 -15.56 5.22
N TYR B 214 -15.60 -14.50 6.00
CA TYR B 214 -14.26 -13.97 6.25
C TYR B 214 -13.37 -14.98 6.96
N GLN B 215 -13.97 -15.88 7.73
CA GLN B 215 -13.20 -16.87 8.47
C GLN B 215 -12.44 -17.86 7.56
N GLN B 216 -12.82 -17.95 6.29
CA GLN B 216 -12.11 -18.85 5.38
C GLN B 216 -10.68 -18.39 5.14
N ARG B 217 -9.78 -19.36 5.08
CA ARG B 217 -8.34 -19.11 4.94
C ARG B 217 -7.96 -18.11 3.85
N ASP B 218 -8.61 -18.20 2.69
CA ASP B 218 -8.20 -17.41 1.53
C ASP B 218 -9.10 -16.23 1.16
N VAL B 219 -9.99 -15.86 2.07
CA VAL B 219 -10.86 -14.70 1.88
C VAL B 219 -10.27 -13.49 2.60
N ASN B 220 -10.04 -12.41 1.86
CA ASN B 220 -9.37 -11.23 2.41
C ASN B 220 -10.27 -10.01 2.46
N GLY B 221 -11.57 -10.23 2.33
CA GLY B 221 -12.50 -9.12 2.38
C GLY B 221 -13.61 -9.28 1.36
N PHE B 222 -14.28 -8.17 1.07
CA PHE B 222 -15.53 -8.22 0.32
C PHE B 222 -15.73 -7.07 -0.66
N LEU B 223 -16.46 -7.36 -1.73
CA LEU B 223 -17.01 -6.35 -2.62
C LEU B 223 -18.53 -6.46 -2.49
N ALA B 224 -19.19 -5.34 -2.20
CA ALA B 224 -20.62 -5.38 -1.96
C ALA B 224 -21.26 -4.14 -2.50
N GLY B 225 -22.58 -4.11 -2.52
CA GLY B 225 -23.31 -2.96 -2.98
C GLY B 225 -23.19 -1.83 -1.97
N LEU B 226 -23.43 -0.62 -2.45
CA LEU B 226 -23.35 0.55 -1.61
C LEU B 226 -24.69 0.77 -0.92
N LYS B 227 -24.81 0.25 0.29
CA LYS B 227 -26.06 0.26 1.04
C LYS B 227 -25.75 0.24 2.54
N PRO B 228 -26.78 0.40 3.39
CA PRO B 228 -26.54 0.56 4.83
C PRO B 228 -25.88 -0.63 5.51
N GLU B 229 -26.17 -1.84 5.03
CA GLU B 229 -25.55 -3.01 5.66
C GLU B 229 -24.05 -3.12 5.36
N PHE B 230 -23.53 -2.27 4.48
CA PHE B 230 -22.08 -2.26 4.24
C PHE B 230 -21.32 -2.10 5.58
N VAL B 231 -21.93 -1.38 6.54
CA VAL B 231 -21.35 -1.23 7.87
C VAL B 231 -21.11 -2.56 8.58
N ASP B 232 -22.04 -3.50 8.44
CA ASP B 232 -21.90 -4.81 9.08
C ASP B 232 -20.87 -5.64 8.35
N ILE B 233 -20.78 -5.44 7.04
CA ILE B 233 -19.77 -6.12 6.26
C ILE B 233 -18.37 -5.71 6.69
N ILE B 234 -18.17 -4.41 6.88
CA ILE B 234 -16.89 -3.91 7.40
C ILE B 234 -16.54 -4.59 8.72
N LYS B 235 -17.49 -4.63 9.63
CA LYS B 235 -17.29 -5.25 10.93
C LYS B 235 -16.92 -6.73 10.80
N ALA B 236 -17.33 -7.36 9.71
CA ALA B 236 -17.05 -8.79 9.54
C ALA B 236 -15.60 -9.11 9.17
N THR B 237 -14.83 -8.10 8.75
CA THR B 237 -13.47 -8.34 8.26
C THR B 237 -12.42 -8.57 9.36
N GLN B 238 -12.71 -9.51 10.24
CA GLN B 238 -11.83 -9.82 11.37
C GLN B 238 -12.22 -11.17 11.97
S SO4 C . -4.13 15.80 3.46
O1 SO4 C . -3.97 17.24 3.38
O2 SO4 C . -3.03 15.24 4.25
O3 SO4 C . -5.39 15.49 4.14
O4 SO4 C . -4.13 15.21 2.12
C3 X1R D . 15.04 13.77 18.54
C4 X1R D . 14.89 13.29 17.11
C5 X1R D . 14.60 14.43 16.14
C7 X1R D . 14.72 12.21 14.55
C8 X1R D . 15.15 11.73 13.16
C9 X1R D . 15.19 10.22 13.08
O1 X1R D . 13.61 14.37 13.78
O2 X1R D . 15.95 14.34 13.98
O3 X1R D . 15.47 9.68 12.00
O4 X1R D . 14.96 9.56 14.12
S5 X1R D . 14.73 13.87 14.57
S SO4 E . -14.88 -3.06 14.47
O1 SO4 E . -15.31 -1.76 14.96
O2 SO4 E . -13.43 -3.14 14.52
O3 SO4 E . -15.44 -4.10 15.32
O4 SO4 E . -15.32 -3.21 13.09
S SO4 F . -12.48 5.42 13.40
O1 SO4 F . -11.91 5.25 14.74
O2 SO4 F . -11.51 4.94 12.42
O3 SO4 F . -13.73 4.67 13.32
O4 SO4 F . -12.75 6.84 13.17
C3 X1R G . -28.20 -7.50 -3.22
C4 X1R G . -26.84 -7.99 -3.64
C5 X1R G . -26.03 -6.93 -4.40
C7 X1R G . -23.61 -6.49 -5.60
C8 X1R G . -22.14 -6.93 -5.70
C9 X1R G . -21.39 -6.05 -6.69
O1 X1R G . -23.83 -7.28 -3.23
O2 X1R G . -24.40 -8.82 -4.89
O3 X1R G . -20.16 -6.24 -6.84
O4 X1R G . -22.00 -5.16 -7.31
S5 X1R G . -24.45 -7.44 -4.51
#